data_4OQY
#
_entry.id   4OQY
#
_cell.length_a   45.320
_cell.length_b   68.240
_cell.length_c   181.380
_cell.angle_alpha   90.00
_cell.angle_beta   90.00
_cell.angle_gamma   90.00
#
_symmetry.space_group_name_H-M   'P 21 21 21'
#
loop_
_entity.id
_entity.type
_entity.pdbx_description
1 polymer '(S)-imine reductase'
2 non-polymer 'NADPH DIHYDRO-NICOTINAMIDE-ADENINE-DINUCLEOTIDE PHOSPHATE'
3 water water
#
_entity_poly.entity_id   1
_entity_poly.type   'polypeptide(L)'
_entity_poly.pdbx_seq_one_letter_code
;MSKQSVTVIGLGPMGQAMVNTFLDNGHEVTVWNRTASKAEALVARGAVLAPTVEDALSANELIVLSLTDYDAVYAILEPV
TGSLSGKVIANLSSDTPDKAREAAKWAAKHGAKHLTGGVQVPPPLIGKPESSTYYSGPKDVFDAHEDTLKVLTNADYRGE
DAGLAAMYYQAQMTIFWTTMLSYYQTLALGQANGVSAKELLPYATMMTSMMPHFLELYAQHVDSADYPGDVDRLAMGAAS
VDHVLHTHQDAGVSTVLPAAVAEIFKAGMEKGFAENSFSSLIEVLKKPAV
;
_entity_poly.pdbx_strand_id   A,B
#
# COMPACT_ATOMS: atom_id res chain seq x y z
N LYS A 3 -34.07 21.27 -1.73
CA LYS A 3 -34.99 21.75 -2.78
C LYS A 3 -35.18 20.82 -3.99
N GLN A 4 -34.14 20.56 -4.79
CA GLN A 4 -34.36 19.85 -6.05
C GLN A 4 -34.88 18.44 -5.74
N SER A 5 -36.02 18.05 -6.31
CA SER A 5 -36.49 16.68 -6.18
C SER A 5 -35.56 15.78 -6.98
N VAL A 6 -35.46 14.51 -6.60
CA VAL A 6 -34.48 13.62 -7.22
C VAL A 6 -34.99 12.18 -7.22
N THR A 7 -34.52 11.40 -8.18
CA THR A 7 -34.80 9.98 -8.22
C THR A 7 -33.51 9.22 -7.88
N VAL A 8 -33.64 8.16 -7.07
CA VAL A 8 -32.57 7.23 -6.78
C VAL A 8 -33.05 5.82 -7.18
N ILE A 9 -32.29 5.21 -8.08
CA ILE A 9 -32.52 3.82 -8.52
C ILE A 9 -31.38 2.94 -7.98
N GLY A 10 -31.73 1.88 -7.26
CA GLY A 10 -30.74 1.05 -6.57
C GLY A 10 -30.68 1.35 -5.10
N LEU A 11 -31.22 0.45 -4.31
CA LEU A 11 -31.38 0.60 -2.88
C LEU A 11 -30.64 -0.47 -2.09
N GLY A 12 -29.44 -0.83 -2.55
CA GLY A 12 -28.47 -1.45 -1.68
C GLY A 12 -28.00 -0.45 -0.59
N PRO A 13 -26.98 -0.84 0.18
CA PRO A 13 -26.57 -0.03 1.29
C PRO A 13 -26.20 1.42 0.88
N MET A 14 -25.53 1.59 -0.26
CA MET A 14 -25.20 2.91 -0.76
C MET A 14 -26.45 3.77 -1.12
N GLY A 15 -27.34 3.18 -1.94
CA GLY A 15 -28.61 3.77 -2.30
C GLY A 15 -29.45 4.21 -1.09
N GLN A 16 -29.56 3.33 -0.11
CA GLN A 16 -30.28 3.61 1.12
C GLN A 16 -29.72 4.89 1.76
N ALA A 17 -28.41 4.95 1.95
CA ALA A 17 -27.73 6.08 2.59
C ALA A 17 -27.98 7.37 1.83
N MET A 18 -27.99 7.27 0.51
CA MET A 18 -28.20 8.45 -0.31
C MET A 18 -29.62 9.00 -0.17
N VAL A 19 -30.59 8.10 -0.22
CA VAL A 19 -31.99 8.49 -0.05
C VAL A 19 -32.17 9.11 1.34
N ASN A 20 -31.67 8.44 2.39
CA ASN A 20 -31.81 8.95 3.78
C ASN A 20 -31.23 10.32 3.89
N THR A 21 -30.07 10.51 3.29
CA THR A 21 -29.38 11.80 3.29
C THR A 21 -30.14 12.91 2.53
N PHE A 22 -30.69 12.56 1.37
CA PHE A 22 -31.57 13.48 0.64
C PHE A 22 -32.81 13.87 1.46
N LEU A 23 -33.46 12.88 2.09
CA LEU A 23 -34.64 13.12 2.92
C LEU A 23 -34.30 13.96 4.13
N ASP A 24 -33.21 13.63 4.82
CA ASP A 24 -32.73 14.46 5.95
C ASP A 24 -32.61 15.93 5.58
N ASN A 25 -32.24 16.20 4.32
CA ASN A 25 -32.04 17.58 3.88
C ASN A 25 -33.24 18.18 3.15
N GLY A 26 -34.41 17.55 3.24
CA GLY A 26 -35.65 18.19 2.76
C GLY A 26 -35.98 18.01 1.28
N HIS A 27 -35.30 17.07 0.64
CA HIS A 27 -35.54 16.82 -0.78
C HIS A 27 -36.68 15.79 -0.89
N GLU A 28 -37.55 15.94 -1.90
CA GLU A 28 -38.51 14.89 -2.20
C GLU A 28 -37.77 13.85 -3.03
N VAL A 29 -37.87 12.57 -2.64
CA VAL A 29 -37.10 11.52 -3.33
C VAL A 29 -38.06 10.46 -3.82
N THR A 30 -37.92 10.11 -5.10
CA THR A 30 -38.64 9.00 -5.71
C THR A 30 -37.63 7.89 -5.91
N VAL A 31 -38.00 6.66 -5.54
CA VAL A 31 -37.06 5.55 -5.53
C VAL A 31 -37.62 4.38 -6.34
N TRP A 32 -36.71 3.53 -6.82
CA TRP A 32 -37.06 2.26 -7.43
C TRP A 32 -35.94 1.25 -7.19
N ASN A 33 -36.31 -0.02 -7.07
CA ASN A 33 -35.35 -1.10 -6.88
C ASN A 33 -35.90 -2.43 -7.44
N ARG A 34 -34.99 -3.27 -7.93
CA ARG A 34 -35.39 -4.58 -8.45
C ARG A 34 -36.15 -5.37 -7.36
N THR A 35 -35.62 -5.32 -6.15
CA THR A 35 -36.28 -5.92 -5.01
C THR A 35 -37.04 -4.82 -4.27
N ALA A 36 -38.35 -4.74 -4.52
CA ALA A 36 -39.17 -3.61 -4.08
C ALA A 36 -39.29 -3.47 -2.55
N SER A 37 -39.16 -4.58 -1.83
CA SER A 37 -39.31 -4.61 -0.36
C SER A 37 -38.19 -3.88 0.35
N LYS A 38 -37.06 -3.73 -0.33
CA LYS A 38 -35.98 -2.95 0.24
C LYS A 38 -36.30 -1.46 0.35
N ALA A 39 -37.41 -1.00 -0.22
CA ALA A 39 -37.77 0.43 -0.05
C ALA A 39 -38.67 0.76 1.14
N GLU A 40 -39.12 -0.29 1.84
CA GLU A 40 -40.07 -0.17 2.94
C GLU A 40 -39.68 0.91 3.95
N ALA A 41 -38.45 0.87 4.46
CA ALA A 41 -38.00 1.80 5.51
C ALA A 41 -37.89 3.25 5.01
N LEU A 42 -37.48 3.39 3.76
CA LEU A 42 -37.35 4.69 3.13
C LEU A 42 -38.72 5.32 2.88
N VAL A 43 -39.66 4.50 2.41
CA VAL A 43 -41.02 4.98 2.20
C VAL A 43 -41.61 5.43 3.56
N ALA A 44 -41.42 4.62 4.59
CA ALA A 44 -41.85 4.99 5.93
C ALA A 44 -41.29 6.33 6.42
N ARG A 45 -40.17 6.78 5.85
CA ARG A 45 -39.61 8.13 6.11
C ARG A 45 -40.05 9.25 5.14
N GLY A 46 -40.81 8.93 4.10
CA GLY A 46 -41.27 9.93 3.13
C GLY A 46 -40.85 9.75 1.67
N ALA A 47 -39.99 8.79 1.38
CA ALA A 47 -39.64 8.53 -0.02
C ALA A 47 -40.87 7.99 -0.75
N VAL A 48 -40.92 8.17 -2.06
CA VAL A 48 -42.06 7.72 -2.83
C VAL A 48 -41.54 6.56 -3.68
N LEU A 49 -42.11 5.39 -3.50
CA LEU A 49 -41.72 4.22 -4.30
C LEU A 49 -42.45 4.26 -5.63
N ALA A 50 -41.71 4.42 -6.73
CA ALA A 50 -42.31 4.42 -8.05
C ALA A 50 -42.78 3.01 -8.40
N PRO A 51 -43.97 2.90 -9.01
CA PRO A 51 -44.44 1.55 -9.38
C PRO A 51 -43.70 0.92 -10.56
N THR A 52 -43.03 1.73 -11.39
CA THR A 52 -42.31 1.27 -12.58
C THR A 52 -41.06 2.12 -12.77
N VAL A 53 -40.11 1.62 -13.56
CA VAL A 53 -38.88 2.34 -13.81
C VAL A 53 -39.21 3.60 -14.61
N GLU A 54 -40.15 3.47 -15.55
CA GLU A 54 -40.63 4.62 -16.32
C GLU A 54 -41.09 5.74 -15.39
N ASP A 55 -41.87 5.37 -14.38
CA ASP A 55 -42.37 6.34 -13.43
C ASP A 55 -41.26 7.00 -12.60
N ALA A 56 -40.25 6.21 -12.21
CA ALA A 56 -39.08 6.76 -11.51
C ALA A 56 -38.36 7.79 -12.40
N LEU A 57 -38.22 7.46 -13.67
CA LEU A 57 -37.52 8.34 -14.61
C LEU A 57 -38.32 9.59 -14.90
N SER A 58 -39.62 9.44 -15.12
CA SER A 58 -40.44 10.58 -15.49
C SER A 58 -40.60 11.52 -14.29
N ALA A 59 -40.35 11.03 -13.07
CA ALA A 59 -40.57 11.86 -11.87
C ALA A 59 -39.64 13.07 -11.77
N ASN A 60 -38.44 13.01 -12.34
CA ASN A 60 -37.38 13.98 -12.09
C ASN A 60 -36.41 14.09 -13.28
N GLU A 61 -35.71 15.22 -13.36
CA GLU A 61 -34.63 15.40 -14.32
C GLU A 61 -33.38 14.63 -13.86
N LEU A 62 -33.08 14.73 -12.57
CA LEU A 62 -31.86 14.11 -12.02
C LEU A 62 -32.13 12.70 -11.49
N ILE A 63 -31.47 11.75 -12.13
CA ILE A 63 -31.61 10.34 -11.83
C ILE A 63 -30.26 9.84 -11.31
N VAL A 64 -30.21 9.48 -10.05
CA VAL A 64 -29.01 8.94 -9.42
C VAL A 64 -29.10 7.41 -9.41
N LEU A 65 -28.07 6.78 -9.95
CA LEU A 65 -27.98 5.33 -9.99
C LEU A 65 -26.91 4.87 -9.01
N SER A 66 -27.30 3.96 -8.14
CA SER A 66 -26.39 3.32 -7.21
C SER A 66 -26.57 1.80 -7.36
N LEU A 67 -25.95 1.25 -8.38
CA LEU A 67 -26.12 -0.17 -8.72
C LEU A 67 -24.80 -0.89 -8.69
N THR A 68 -24.83 -2.23 -8.73
CA THR A 68 -23.63 -2.96 -8.46
C THR A 68 -22.60 -2.69 -9.54
N ASP A 69 -23.01 -2.59 -10.80
CA ASP A 69 -22.06 -2.38 -11.91
C ASP A 69 -22.82 -1.97 -13.17
N TYR A 70 -22.14 -1.76 -14.29
CA TYR A 70 -22.89 -1.32 -15.48
C TYR A 70 -23.82 -2.37 -16.11
N ASP A 71 -23.53 -3.66 -15.95
CA ASP A 71 -24.45 -4.71 -16.36
C ASP A 71 -25.81 -4.46 -15.72
N ALA A 72 -25.81 -4.13 -14.43
CA ALA A 72 -27.05 -3.79 -13.68
C ALA A 72 -27.74 -2.53 -14.21
N VAL A 73 -26.94 -1.53 -14.53
CA VAL A 73 -27.44 -0.29 -15.10
C VAL A 73 -28.18 -0.55 -16.39
N TYR A 74 -27.52 -1.25 -17.32
CA TYR A 74 -28.17 -1.58 -18.56
C TYR A 74 -29.41 -2.44 -18.41
N ALA A 75 -29.37 -3.42 -17.51
CA ALA A 75 -30.52 -4.29 -17.29
C ALA A 75 -31.75 -3.47 -16.94
N ILE A 76 -31.56 -2.43 -16.13
CA ILE A 76 -32.68 -1.54 -15.78
C ILE A 76 -33.04 -0.54 -16.88
N LEU A 77 -32.04 0.04 -17.54
CA LEU A 77 -32.32 1.15 -18.44
C LEU A 77 -32.61 0.76 -19.88
N GLU A 78 -32.09 -0.39 -20.33
CA GLU A 78 -32.30 -0.77 -21.73
C GLU A 78 -33.80 -0.93 -22.07
N PRO A 79 -34.59 -1.56 -21.20
CA PRO A 79 -36.02 -1.60 -21.52
C PRO A 79 -36.77 -0.25 -21.46
N VAL A 80 -36.12 0.82 -21.05
CA VAL A 80 -36.80 2.11 -20.94
C VAL A 80 -36.02 3.24 -21.62
N THR A 81 -35.35 2.90 -22.71
CA THR A 81 -34.54 3.90 -23.41
C THR A 81 -35.38 5.05 -23.93
N GLY A 82 -36.65 4.80 -24.23
CA GLY A 82 -37.56 5.86 -24.64
C GLY A 82 -37.89 6.88 -23.55
N SER A 83 -37.60 6.54 -22.30
CA SER A 83 -37.89 7.44 -21.20
C SER A 83 -36.73 8.31 -20.75
N LEU A 84 -35.61 8.22 -21.46
CA LEU A 84 -34.38 8.87 -21.01
C LEU A 84 -34.22 10.29 -21.52
N SER A 85 -35.10 10.72 -22.43
CA SER A 85 -34.93 11.99 -23.09
C SER A 85 -35.02 13.13 -22.08
N GLY A 86 -34.02 14.01 -22.09
CA GLY A 86 -33.97 15.16 -21.19
C GLY A 86 -33.51 14.86 -19.77
N LYS A 87 -33.11 13.61 -19.51
CA LYS A 87 -32.64 13.24 -18.16
C LYS A 87 -31.14 13.45 -17.99
N VAL A 88 -30.75 13.61 -16.74
CA VAL A 88 -29.35 13.67 -16.37
C VAL A 88 -29.12 12.47 -15.47
N ILE A 89 -28.33 11.53 -15.96
CA ILE A 89 -28.01 10.36 -15.19
C ILE A 89 -26.72 10.63 -14.44
N ALA A 90 -26.80 10.68 -13.12
CA ALA A 90 -25.64 10.70 -12.25
C ALA A 90 -25.40 9.25 -11.87
N ASN A 91 -24.55 8.60 -12.65
CA ASN A 91 -24.25 7.20 -12.45
C ASN A 91 -23.13 7.00 -11.43
N LEU A 92 -23.48 6.60 -10.22
CA LEU A 92 -22.50 6.38 -9.16
C LEU A 92 -22.17 4.90 -8.98
N SER A 93 -22.48 4.09 -9.98
CA SER A 93 -22.16 2.66 -9.96
C SER A 93 -20.69 2.49 -10.38
N SER A 94 -19.92 1.72 -9.65
CA SER A 94 -18.49 1.61 -9.98
C SER A 94 -18.26 0.54 -11.07
N ASP A 95 -17.46 0.90 -12.06
CA ASP A 95 -17.07 0.04 -13.19
C ASP A 95 -15.87 0.71 -13.88
N THR A 96 -15.46 0.18 -15.03
CA THR A 96 -14.25 0.63 -15.67
C THR A 96 -14.48 1.93 -16.40
N PRO A 97 -13.39 2.69 -16.65
CA PRO A 97 -13.42 3.88 -17.49
C PRO A 97 -14.01 3.66 -18.89
N ASP A 98 -13.65 2.55 -19.54
CA ASP A 98 -14.24 2.30 -20.84
C ASP A 98 -15.73 2.02 -20.78
N LYS A 99 -16.21 1.34 -19.75
CA LYS A 99 -17.65 1.17 -19.59
C LYS A 99 -18.36 2.53 -19.38
N ALA A 100 -17.77 3.40 -18.58
CA ALA A 100 -18.30 4.76 -18.39
C ALA A 100 -18.39 5.55 -19.71
N ARG A 101 -17.36 5.42 -20.54
CA ARG A 101 -17.34 6.10 -21.83
C ARG A 101 -18.46 5.59 -22.71
N GLU A 102 -18.61 4.27 -22.74
CA GLU A 102 -19.61 3.63 -23.59
C GLU A 102 -21.00 4.01 -23.13
N ALA A 103 -21.19 4.06 -21.81
CA ALA A 103 -22.47 4.42 -21.25
C ALA A 103 -22.84 5.88 -21.55
N ALA A 104 -21.88 6.81 -21.46
CA ALA A 104 -22.13 8.23 -21.82
C ALA A 104 -22.64 8.38 -23.26
N LYS A 105 -21.97 7.70 -24.20
CA LYS A 105 -22.35 7.68 -25.61
C LYS A 105 -23.74 7.11 -25.83
N TRP A 106 -24.01 5.99 -25.19
CA TRP A 106 -25.33 5.37 -25.26
C TRP A 106 -26.42 6.27 -24.68
N ALA A 107 -26.17 6.86 -23.52
CA ALA A 107 -27.12 7.80 -22.93
C ALA A 107 -27.46 8.93 -23.92
N ALA A 108 -26.42 9.50 -24.54
CA ALA A 108 -26.58 10.62 -25.49
C ALA A 108 -27.37 10.22 -26.74
N LYS A 109 -27.17 9.01 -27.23
CA LYS A 109 -28.01 8.43 -28.28
C LYS A 109 -29.51 8.51 -27.93
N HIS A 110 -29.84 8.39 -26.65
CA HIS A 110 -31.23 8.41 -26.23
C HIS A 110 -31.64 9.70 -25.54
N GLY A 111 -30.84 10.74 -25.73
CA GLY A 111 -31.21 12.10 -25.32
C GLY A 111 -30.96 12.44 -23.86
N ALA A 112 -30.12 11.67 -23.18
CA ALA A 112 -29.77 11.91 -21.79
C ALA A 112 -28.30 12.29 -21.68
N LYS A 113 -28.01 13.03 -20.62
CA LYS A 113 -26.65 13.41 -20.26
C LYS A 113 -26.19 12.46 -19.16
N HIS A 114 -24.89 12.21 -19.10
CA HIS A 114 -24.36 11.23 -18.18
C HIS A 114 -23.24 11.85 -17.39
N LEU A 115 -23.37 11.83 -16.07
CA LEU A 115 -22.29 12.17 -15.15
C LEU A 115 -21.79 10.91 -14.47
N THR A 116 -20.49 10.67 -14.57
CA THR A 116 -19.83 9.57 -13.89
C THR A 116 -19.39 9.99 -12.50
N GLY A 117 -19.80 9.21 -11.51
CA GLY A 117 -19.46 9.44 -10.11
C GLY A 117 -18.68 8.28 -9.53
N GLY A 118 -17.55 8.57 -8.90
CA GLY A 118 -16.78 7.55 -8.18
C GLY A 118 -16.80 7.86 -6.70
N VAL A 119 -17.66 7.17 -5.95
CA VAL A 119 -17.87 7.48 -4.53
C VAL A 119 -16.69 6.93 -3.76
N GLN A 120 -16.07 7.76 -2.92
CA GLN A 120 -14.80 7.38 -2.29
C GLN A 120 -14.96 6.76 -0.93
N VAL A 121 -16.19 6.70 -0.44
CA VAL A 121 -16.47 6.34 0.95
C VAL A 121 -17.58 5.33 1.06
N PRO A 122 -17.63 4.61 2.18
CA PRO A 122 -18.71 3.65 2.42
C PRO A 122 -19.99 4.36 2.86
N PRO A 123 -21.11 3.65 2.82
CA PRO A 123 -22.39 4.28 3.07
C PRO A 123 -22.53 5.15 4.31
N PRO A 124 -21.97 4.76 5.47
CA PRO A 124 -22.20 5.65 6.61
C PRO A 124 -21.55 7.03 6.48
N LEU A 125 -20.66 7.24 5.52
CA LEU A 125 -20.04 8.56 5.38
C LEU A 125 -20.73 9.45 4.36
N ILE A 126 -21.76 8.91 3.70
CA ILE A 126 -22.59 9.72 2.84
C ILE A 126 -23.24 10.80 3.72
N GLY A 127 -23.26 12.02 3.24
CA GLY A 127 -23.82 13.14 4.05
C GLY A 127 -22.87 13.71 5.07
N LYS A 128 -21.66 13.16 5.18
CA LYS A 128 -20.72 13.63 6.18
C LYS A 128 -19.57 14.44 5.58
N PRO A 129 -19.00 15.32 6.40
CA PRO A 129 -17.94 16.25 5.99
C PRO A 129 -16.70 15.59 5.35
N GLU A 130 -16.26 14.45 5.86
CA GLU A 130 -15.03 13.87 5.29
C GLU A 130 -15.20 13.37 3.85
N SER A 131 -16.44 13.29 3.40
CA SER A 131 -16.72 12.51 2.23
C SER A 131 -16.56 13.24 0.89
N SER A 132 -16.12 12.50 -0.14
CA SER A 132 -15.99 13.06 -1.48
C SER A 132 -16.31 12.01 -2.56
N THR A 133 -16.69 12.52 -3.74
CA THR A 133 -17.00 11.71 -4.93
C THR A 133 -16.32 12.40 -6.12
N TYR A 134 -15.62 11.60 -6.92
CA TYR A 134 -15.08 12.04 -8.18
C TYR A 134 -16.21 12.15 -9.19
N TYR A 135 -16.23 13.24 -9.97
CA TYR A 135 -17.24 13.41 -11.03
C TYR A 135 -16.55 13.73 -12.33
N SER A 136 -17.12 13.21 -13.42
CA SER A 136 -16.68 13.59 -14.75
C SER A 136 -17.83 13.51 -15.73
N GLY A 137 -17.71 14.25 -16.82
CA GLY A 137 -18.79 14.44 -17.76
C GLY A 137 -18.92 15.89 -18.17
N PRO A 138 -20.00 16.24 -18.88
CA PRO A 138 -20.11 17.64 -19.34
C PRO A 138 -20.16 18.69 -18.21
N LYS A 139 -19.33 19.71 -18.33
CA LYS A 139 -19.18 20.64 -17.24
C LYS A 139 -20.48 21.42 -16.99
N ASP A 140 -21.18 21.80 -18.05
CA ASP A 140 -22.40 22.61 -17.88
C ASP A 140 -23.45 21.79 -17.10
N VAL A 141 -23.53 20.51 -17.42
CA VAL A 141 -24.44 19.62 -16.74
C VAL A 141 -24.02 19.47 -15.28
N PHE A 142 -22.73 19.29 -15.04
CA PHE A 142 -22.24 19.17 -13.68
C PHE A 142 -22.61 20.41 -12.88
N ASP A 143 -22.34 21.60 -13.40
CA ASP A 143 -22.59 22.82 -12.64
C ASP A 143 -24.06 22.99 -12.31
N ALA A 144 -24.92 22.63 -13.25
CA ALA A 144 -26.36 22.70 -13.04
C ALA A 144 -26.88 21.83 -11.88
N HIS A 145 -26.25 20.69 -11.61
CA HIS A 145 -26.73 19.79 -10.55
C HIS A 145 -25.80 19.64 -9.35
N GLU A 146 -24.67 20.35 -9.39
CA GLU A 146 -23.64 20.27 -8.36
C GLU A 146 -24.21 20.51 -6.97
N ASP A 147 -25.11 21.49 -6.83
CA ASP A 147 -25.71 21.81 -5.52
C ASP A 147 -26.55 20.67 -4.97
N THR A 148 -27.21 19.92 -5.85
CA THR A 148 -27.91 18.74 -5.39
C THR A 148 -26.92 17.61 -5.05
N LEU A 149 -25.93 17.39 -5.89
CA LEU A 149 -24.99 16.28 -5.67
C LEU A 149 -24.17 16.53 -4.39
N LYS A 150 -23.89 17.79 -4.08
CA LYS A 150 -23.15 18.13 -2.85
C LYS A 150 -23.86 17.77 -1.56
N VAL A 151 -25.15 17.51 -1.64
CA VAL A 151 -25.87 17.04 -0.45
C VAL A 151 -25.33 15.68 -0.02
N LEU A 152 -24.94 14.85 -0.99
CA LEU A 152 -24.40 13.53 -0.68
C LEU A 152 -22.93 13.52 -0.19
N THR A 153 -22.05 14.22 -0.91
CA THR A 153 -20.62 14.28 -0.60
C THR A 153 -20.11 15.54 -1.26
N ASN A 154 -18.92 15.99 -0.88
CA ASN A 154 -18.21 16.94 -1.74
C ASN A 154 -18.14 16.37 -3.16
N ALA A 155 -18.22 17.25 -4.15
CA ALA A 155 -18.34 16.84 -5.53
C ALA A 155 -17.09 17.34 -6.25
N ASP A 156 -16.21 16.42 -6.64
CA ASP A 156 -14.90 16.82 -7.12
C ASP A 156 -14.87 16.56 -8.61
N TYR A 157 -15.08 17.63 -9.39
CA TYR A 157 -15.15 17.54 -10.86
C TYR A 157 -13.74 17.40 -11.41
N ARG A 158 -13.52 16.33 -12.20
CA ARG A 158 -12.18 15.96 -12.65
C ARG A 158 -11.95 16.18 -14.15
N GLY A 159 -13.00 16.46 -14.92
CA GLY A 159 -12.87 16.76 -16.34
C GLY A 159 -14.03 16.28 -17.19
N GLU A 160 -13.94 16.47 -18.50
CA GLU A 160 -15.06 16.19 -19.42
C GLU A 160 -15.25 14.71 -19.75
N ASP A 161 -14.16 13.99 -19.95
CA ASP A 161 -14.20 12.58 -20.34
C ASP A 161 -14.93 11.75 -19.27
N ALA A 162 -15.95 11.04 -19.72
CA ALA A 162 -16.78 10.22 -18.86
C ALA A 162 -16.00 9.15 -18.08
N GLY A 163 -14.88 8.71 -18.61
CA GLY A 163 -14.07 7.69 -17.96
C GLY A 163 -13.21 8.17 -16.81
N LEU A 164 -13.00 9.48 -16.71
CA LEU A 164 -12.08 10.03 -15.71
C LEU A 164 -12.47 9.73 -14.28
N ALA A 165 -13.71 9.94 -13.90
CA ALA A 165 -14.10 9.74 -12.50
C ALA A 165 -13.95 8.26 -12.18
N ALA A 166 -14.27 7.42 -13.16
CA ALA A 166 -14.09 5.98 -12.95
C ALA A 166 -12.62 5.60 -12.82
N MET A 167 -11.74 6.27 -13.56
CA MET A 167 -10.31 6.03 -13.48
C MET A 167 -9.80 6.37 -12.08
N TYR A 168 -10.18 7.52 -11.54
CA TYR A 168 -9.71 7.88 -10.22
C TYR A 168 -10.18 6.84 -9.21
N TYR A 169 -11.41 6.35 -9.35
CA TYR A 169 -11.94 5.34 -8.42
C TYR A 169 -11.12 4.06 -8.51
N GLN A 170 -10.88 3.59 -9.73
CA GLN A 170 -10.14 2.35 -9.92
C GLN A 170 -8.69 2.51 -9.48
N ALA A 171 -8.14 3.74 -9.55
CA ALA A 171 -6.81 4.00 -9.02
C ALA A 171 -6.77 3.80 -7.52
N GLN A 172 -7.77 4.37 -6.84
CA GLN A 172 -7.96 4.20 -5.39
C GLN A 172 -8.02 2.67 -5.05
N MET A 173 -8.79 1.92 -5.82
CA MET A 173 -8.94 0.49 -5.52
C MET A 173 -7.69 -0.33 -5.87
N THR A 174 -6.90 0.12 -6.85
CA THR A 174 -5.62 -0.50 -7.19
C THR A 174 -4.68 -0.52 -5.96
N ILE A 175 -4.53 0.65 -5.38
CA ILE A 175 -3.70 0.82 -4.21
C ILE A 175 -4.25 0.11 -3.00
N PHE A 176 -5.56 0.20 -2.80
CA PHE A 176 -6.18 -0.44 -1.65
C PHE A 176 -5.99 -1.96 -1.68
N TRP A 177 -6.40 -2.58 -2.76
CA TRP A 177 -6.35 -4.08 -2.83
C TRP A 177 -4.92 -4.62 -2.84
N THR A 178 -4.05 -3.94 -3.58
CA THR A 178 -2.66 -4.35 -3.64
C THR A 178 -1.99 -4.22 -2.27
N THR A 179 -2.24 -3.12 -1.56
CA THR A 179 -1.66 -2.97 -0.25
C THR A 179 -2.23 -4.03 0.68
N MET A 180 -3.53 -4.25 0.58
CA MET A 180 -4.18 -5.25 1.40
C MET A 180 -3.54 -6.62 1.22
N LEU A 181 -3.25 -7.02 0.00
CA LEU A 181 -2.62 -8.35 -0.18
C LEU A 181 -1.21 -8.38 0.41
N SER A 182 -0.47 -7.28 0.34
CA SER A 182 0.89 -7.27 0.86
C SER A 182 0.85 -7.44 2.39
N TYR A 183 -0.19 -6.89 2.98
CA TYR A 183 -0.41 -6.98 4.40
C TYR A 183 -0.66 -8.46 4.76
N TYR A 184 -1.59 -9.09 4.07
CA TYR A 184 -1.85 -10.51 4.31
C TYR A 184 -0.61 -11.39 4.04
N GLN A 185 0.19 -10.99 3.06
CA GLN A 185 1.41 -11.71 2.69
C GLN A 185 2.37 -11.73 3.87
N THR A 186 2.45 -10.60 4.57
CA THR A 186 3.33 -10.54 5.73
C THR A 186 2.81 -11.41 6.87
N LEU A 187 1.50 -11.53 6.99
CA LEU A 187 0.94 -12.30 8.11
C LEU A 187 1.21 -13.79 7.83
N ALA A 188 1.11 -14.18 6.56
CA ALA A 188 1.46 -15.53 6.13
C ALA A 188 2.94 -15.80 6.44
N LEU A 189 3.81 -14.87 6.04
CA LEU A 189 5.26 -14.98 6.35
C LEU A 189 5.52 -15.08 7.86
N GLY A 190 4.86 -14.22 8.64
CA GLY A 190 5.00 -14.30 10.08
C GLY A 190 4.69 -15.70 10.62
N GLN A 191 3.54 -16.23 10.21
CA GLN A 191 3.10 -17.53 10.74
C GLN A 191 4.08 -18.62 10.38
N ALA A 192 4.61 -18.57 9.17
CA ALA A 192 5.60 -19.55 8.72
C ALA A 192 6.91 -19.45 9.52
N ASN A 193 7.08 -18.38 10.30
CA ASN A 193 8.24 -18.19 11.15
C ASN A 193 7.90 -18.22 12.64
N GLY A 194 6.72 -18.73 12.96
CA GLY A 194 6.30 -18.88 14.33
C GLY A 194 5.84 -17.62 15.03
N VAL A 195 5.49 -16.59 14.26
CA VAL A 195 4.91 -15.40 14.82
C VAL A 195 3.44 -15.38 14.46
N SER A 196 2.62 -15.40 15.49
CA SER A 196 1.17 -15.46 15.32
C SER A 196 0.67 -14.18 14.70
N ALA A 197 -0.44 -14.30 14.00
CA ALA A 197 -1.01 -13.19 13.28
C ALA A 197 -1.38 -12.10 14.27
N LYS A 198 -1.83 -12.48 15.47
CA LYS A 198 -2.23 -11.47 16.46
C LYS A 198 -1.03 -10.72 17.01
N GLU A 199 0.08 -11.40 17.17
CA GLU A 199 1.30 -10.74 17.63
C GLU A 199 1.86 -9.82 16.54
N LEU A 200 1.80 -10.28 15.29
CA LEU A 200 2.32 -9.46 14.18
C LEU A 200 1.36 -8.37 13.75
N LEU A 201 0.06 -8.59 14.00
CA LEU A 201 -0.98 -7.69 13.50
C LEU A 201 -0.70 -6.18 13.71
N PRO A 202 -0.44 -5.74 14.96
CA PRO A 202 -0.12 -4.31 15.17
C PRO A 202 1.11 -3.82 14.38
N TYR A 203 2.12 -4.66 14.21
CA TYR A 203 3.28 -4.29 13.41
C TYR A 203 2.93 -4.15 11.92
N ALA A 204 2.22 -5.15 11.40
CA ALA A 204 1.80 -5.11 9.99
C ALA A 204 0.96 -3.88 9.71
N THR A 205 0.13 -3.51 10.68
CA THR A 205 -0.70 -2.31 10.56
C THR A 205 0.20 -1.10 10.49
N MET A 206 1.12 -0.92 11.44
CA MET A 206 2.08 0.22 11.40
C MET A 206 2.99 0.18 10.17
N MET A 207 3.29 -1.00 9.66
CA MET A 207 4.06 -1.09 8.43
C MET A 207 3.36 -0.45 7.24
N THR A 208 2.02 -0.43 7.23
CA THR A 208 1.29 0.22 6.13
C THR A 208 1.40 1.75 6.15
N SER A 209 1.98 2.31 7.20
CA SER A 209 2.19 3.77 7.25
C SER A 209 3.56 4.22 6.74
N MET A 210 4.45 3.24 6.51
CA MET A 210 5.82 3.46 6.05
C MET A 210 5.81 4.32 4.78
N MET A 211 5.02 3.86 3.81
CA MET A 211 4.93 4.49 2.52
C MET A 211 4.39 5.94 2.53
N PRO A 212 3.22 6.20 3.17
CA PRO A 212 2.75 7.60 3.22
C PRO A 212 3.66 8.52 4.02
N HIS A 213 4.27 7.99 5.07
CA HIS A 213 5.32 8.74 5.73
C HIS A 213 6.29 9.05 4.62
N PHE A 214 7.17 8.08 4.34
CA PHE A 214 8.15 8.15 3.23
C PHE A 214 7.75 9.05 2.05
N LEU A 215 6.46 9.26 1.84
CA LEU A 215 6.04 10.21 0.81
C LEU A 215 6.17 11.60 1.39
N ASP A 232 16.50 8.27 -5.05
CA ASP A 232 17.45 7.21 -4.73
C ASP A 232 17.86 6.42 -6.01
N ARG A 233 18.25 5.16 -5.85
CA ARG A 233 18.78 4.35 -6.96
C ARG A 233 17.96 3.06 -7.15
N LEU A 234 17.45 2.87 -8.37
CA LEU A 234 16.70 1.65 -8.68
C LEU A 234 17.43 0.36 -8.30
N ALA A 235 18.74 0.30 -8.56
CA ALA A 235 19.57 -0.86 -8.18
C ALA A 235 19.47 -1.27 -6.70
N MET A 236 19.38 -0.29 -5.80
CA MET A 236 19.27 -0.57 -4.36
C MET A 236 17.89 -1.13 -4.03
N GLY A 237 16.86 -0.57 -4.67
CA GLY A 237 15.51 -1.10 -4.57
C GLY A 237 15.43 -2.53 -5.08
N ALA A 238 16.02 -2.78 -6.24
CA ALA A 238 16.06 -4.13 -6.79
C ALA A 238 16.70 -5.16 -5.85
N ALA A 239 17.79 -4.76 -5.18
CA ALA A 239 18.46 -5.64 -4.24
C ALA A 239 17.58 -5.95 -3.02
N SER A 240 16.94 -4.92 -2.46
CA SER A 240 15.99 -5.11 -1.37
C SER A 240 14.79 -6.02 -1.74
N VAL A 241 14.25 -5.79 -2.92
CA VAL A 241 13.14 -6.59 -3.42
C VAL A 241 13.55 -8.07 -3.64
N ASP A 242 14.78 -8.32 -4.04
CA ASP A 242 15.29 -9.72 -4.16
C ASP A 242 15.36 -10.40 -2.79
N HIS A 243 15.79 -9.67 -1.77
CA HIS A 243 15.77 -10.16 -0.40
C HIS A 243 14.35 -10.48 0.05
N VAL A 244 13.39 -9.61 -0.29
CA VAL A 244 11.97 -9.86 -0.02
C VAL A 244 11.54 -11.18 -0.70
N LEU A 245 11.78 -11.28 -2.00
CA LEU A 245 11.40 -12.50 -2.74
C LEU A 245 11.99 -13.76 -2.10
N HIS A 246 13.27 -13.77 -1.81
CA HIS A 246 13.91 -14.95 -1.23
C HIS A 246 13.41 -15.25 0.16
N THR A 247 13.11 -14.22 0.94
CA THR A 247 12.52 -14.47 2.25
C THR A 247 11.21 -15.26 2.20
N HIS A 248 10.30 -14.85 1.31
CA HIS A 248 9.04 -15.59 1.13
C HIS A 248 9.26 -17.00 0.55
N GLN A 249 10.18 -17.12 -0.39
CA GLN A 249 10.52 -18.44 -0.97
C GLN A 249 11.03 -19.37 0.14
N ASP A 250 12.03 -18.90 0.89
CA ASP A 250 12.56 -19.66 2.03
C ASP A 250 11.47 -20.06 3.04
N ALA A 251 10.47 -19.21 3.23
CA ALA A 251 9.45 -19.48 4.24
C ALA A 251 8.41 -20.51 3.80
N GLY A 252 8.39 -20.86 2.51
CA GLY A 252 7.43 -21.82 1.99
C GLY A 252 6.05 -21.27 1.71
N VAL A 253 5.88 -19.95 1.73
CA VAL A 253 4.57 -19.34 1.47
C VAL A 253 4.39 -19.02 -0.01
N SER A 254 3.22 -18.50 -0.38
CA SER A 254 2.94 -18.06 -1.75
C SER A 254 3.94 -16.98 -2.17
N THR A 255 4.42 -17.06 -3.41
CA THR A 255 5.31 -16.04 -3.92
C THR A 255 4.73 -15.24 -5.08
N VAL A 256 3.44 -15.39 -5.36
CA VAL A 256 2.83 -14.74 -6.53
C VAL A 256 3.03 -13.20 -6.48
N LEU A 257 2.71 -12.64 -5.33
CA LEU A 257 2.86 -11.19 -5.18
C LEU A 257 4.31 -10.69 -5.15
N PRO A 258 5.16 -11.23 -4.25
CA PRO A 258 6.55 -10.75 -4.31
C PRO A 258 7.27 -11.09 -5.63
N ALA A 259 6.88 -12.18 -6.31
CA ALA A 259 7.49 -12.45 -7.61
C ALA A 259 7.11 -11.37 -8.63
N ALA A 260 5.86 -10.87 -8.56
CA ALA A 260 5.40 -9.82 -9.47
C ALA A 260 6.12 -8.50 -9.21
N VAL A 261 6.34 -8.18 -7.95
CA VAL A 261 7.11 -7.00 -7.61
C VAL A 261 8.54 -7.12 -8.17
N ALA A 262 9.15 -8.29 -8.02
CA ALA A 262 10.51 -8.53 -8.52
C ALA A 262 10.60 -8.46 -10.04
N GLU A 263 9.57 -8.94 -10.74
CA GLU A 263 9.54 -8.93 -12.19
C GLU A 263 9.54 -7.48 -12.70
N ILE A 264 8.83 -6.62 -11.99
CA ILE A 264 8.78 -5.22 -12.35
C ILE A 264 10.15 -4.57 -12.15
N PHE A 265 10.73 -4.73 -10.97
CA PHE A 265 12.10 -4.23 -10.76
C PHE A 265 13.08 -4.82 -11.76
N LYS A 266 12.96 -6.12 -12.03
CA LYS A 266 13.83 -6.72 -13.05
C LYS A 266 13.72 -6.02 -14.42
N ALA A 267 12.50 -5.72 -14.85
CA ALA A 267 12.32 -5.10 -16.15
C ALA A 267 12.96 -3.73 -16.20
N GLY A 268 12.89 -2.99 -15.09
CA GLY A 268 13.58 -1.70 -15.02
C GLY A 268 15.10 -1.82 -15.13
N MET A 269 15.66 -2.80 -14.43
CA MET A 269 17.09 -3.03 -14.48
C MET A 269 17.50 -3.41 -15.91
N GLU A 270 16.70 -4.22 -16.58
CA GLU A 270 17.00 -4.67 -17.94
C GLU A 270 16.83 -3.55 -18.97
N LYS A 271 16.09 -2.50 -18.62
CA LYS A 271 15.97 -1.33 -19.49
C LYS A 271 17.12 -0.36 -19.33
N GLY A 272 18.09 -0.65 -18.47
CA GLY A 272 19.21 0.25 -18.25
C GLY A 272 18.96 1.33 -17.18
N PHE A 273 17.94 1.15 -16.34
CA PHE A 273 17.59 2.14 -15.29
C PHE A 273 18.26 1.99 -13.90
N ALA A 274 19.26 1.11 -13.76
CA ALA A 274 19.87 0.84 -12.44
C ALA A 274 20.21 2.11 -11.64
N GLU A 275 20.76 3.12 -12.32
CA GLU A 275 21.26 4.32 -11.67
C GLU A 275 20.22 5.43 -11.64
N ASN A 276 19.03 5.17 -12.18
CA ASN A 276 17.98 6.16 -12.15
C ASN A 276 17.18 6.08 -10.86
N SER A 277 16.36 7.10 -10.65
CA SER A 277 15.45 7.15 -9.51
C SER A 277 14.40 6.03 -9.61
N PHE A 278 13.81 5.70 -8.47
CA PHE A 278 12.72 4.75 -8.37
C PHE A 278 11.57 5.10 -9.27
N SER A 279 11.35 6.38 -9.49
CA SER A 279 10.22 6.79 -10.27
C SER A 279 10.35 6.37 -11.72
N SER A 280 11.54 5.99 -12.15
CA SER A 280 11.73 5.44 -13.51
C SER A 280 10.85 4.20 -13.73
N LEU A 281 10.37 3.61 -12.63
CA LEU A 281 9.43 2.49 -12.73
C LEU A 281 8.08 2.86 -13.34
N ILE A 282 7.69 4.14 -13.26
CA ILE A 282 6.50 4.60 -13.96
C ILE A 282 6.63 4.27 -15.48
N GLU A 283 7.81 4.48 -16.05
CA GLU A 283 8.09 4.17 -17.48
C GLU A 283 7.94 2.69 -17.78
N VAL A 284 8.43 1.87 -16.87
CA VAL A 284 8.34 0.43 -17.03
C VAL A 284 6.89 0.01 -17.04
N LEU A 285 6.07 0.65 -16.21
CA LEU A 285 4.68 0.26 -16.09
C LEU A 285 3.76 0.82 -17.18
N LYS A 286 4.23 1.75 -18.00
CA LYS A 286 3.39 2.42 -19.02
C LYS A 286 2.99 1.60 -20.23
N LYS B 3 28.03 7.06 27.09
CA LYS B 3 29.12 6.32 27.79
C LYS B 3 29.83 5.24 26.97
N GLN B 4 29.16 4.15 26.56
CA GLN B 4 29.88 3.02 25.96
C GLN B 4 30.45 3.41 24.61
N SER B 5 31.75 3.20 24.40
CA SER B 5 32.28 3.46 23.09
C SER B 5 31.91 2.31 22.16
N VAL B 6 31.97 2.57 20.86
CA VAL B 6 31.43 1.65 19.86
C VAL B 6 32.16 1.76 18.53
N THR B 7 32.17 0.67 17.77
CA THR B 7 32.74 0.69 16.44
C THR B 7 31.60 0.62 15.44
N VAL B 8 31.71 1.40 14.38
CA VAL B 8 30.80 1.34 13.26
C VAL B 8 31.64 1.05 11.99
N ILE B 9 31.27 -0.04 11.33
CA ILE B 9 31.87 -0.44 10.04
C ILE B 9 30.84 -0.25 8.92
N GLY B 10 31.20 0.48 7.86
CA GLY B 10 30.24 0.82 6.81
C GLY B 10 29.78 2.27 7.02
N LEU B 11 30.24 3.14 6.14
CA LEU B 11 29.98 4.56 6.22
C LEU B 11 29.29 5.08 4.97
N GLY B 12 28.37 4.28 4.43
CA GLY B 12 27.33 4.80 3.58
C GLY B 12 26.41 5.72 4.37
N PRO B 13 25.32 6.15 3.73
CA PRO B 13 24.41 7.07 4.40
C PRO B 13 23.90 6.60 5.77
N MET B 14 23.56 5.32 5.92
CA MET B 14 23.08 4.81 7.22
C MET B 14 24.18 4.86 8.29
N GLY B 15 25.34 4.32 7.95
CA GLY B 15 26.54 4.37 8.79
C GLY B 15 26.87 5.79 9.27
N GLN B 16 26.88 6.75 8.33
CA GLN B 16 27.17 8.16 8.64
C GLN B 16 26.23 8.67 9.71
N ALA B 17 24.93 8.46 9.52
CA ALA B 17 23.89 8.90 10.45
C ALA B 17 24.08 8.30 11.85
N MET B 18 24.45 7.03 11.88
CA MET B 18 24.64 6.34 13.15
C MET B 18 25.82 6.92 13.92
N VAL B 19 26.93 7.12 13.21
CA VAL B 19 28.12 7.67 13.84
C VAL B 19 27.78 9.07 14.39
N ASN B 20 27.15 9.91 13.57
CA ASN B 20 26.82 11.30 13.97
C ASN B 20 25.95 11.29 15.20
N THR B 21 24.98 10.39 15.21
CA THR B 21 24.08 10.25 16.34
C THR B 21 24.81 9.78 17.61
N PHE B 22 25.71 8.80 17.46
CA PHE B 22 26.52 8.35 18.60
C PHE B 22 27.38 9.50 19.17
N LEU B 23 28.00 10.25 18.27
CA LEU B 23 28.84 11.37 18.67
C LEU B 23 28.02 12.50 19.32
N ASP B 24 26.87 12.82 18.73
CA ASP B 24 25.94 13.81 19.33
C ASP B 24 25.59 13.50 20.77
N ASN B 25 25.57 12.21 21.09
CA ASN B 25 25.21 11.78 22.43
C ASN B 25 26.41 11.45 23.34
N GLY B 26 27.62 11.81 22.93
CA GLY B 26 28.78 11.66 23.81
C GLY B 26 29.48 10.30 23.82
N HIS B 27 29.23 9.46 22.84
CA HIS B 27 29.92 8.17 22.71
C HIS B 27 31.16 8.28 21.86
N GLU B 28 32.25 7.65 22.27
CA GLU B 28 33.46 7.62 21.48
C GLU B 28 33.22 6.60 20.38
N VAL B 29 33.51 6.93 19.13
CA VAL B 29 33.23 6.02 18.03
C VAL B 29 34.49 5.80 17.20
N THR B 30 34.80 4.53 16.93
CA THR B 30 35.86 4.13 16.02
C THR B 30 35.18 3.61 14.76
N VAL B 31 35.66 4.04 13.60
CA VAL B 31 34.99 3.78 12.36
C VAL B 31 35.97 3.11 11.37
N TRP B 32 35.42 2.38 10.42
CA TRP B 32 36.18 1.90 9.26
C TRP B 32 35.28 1.74 8.02
N ASN B 33 35.89 1.91 6.86
CA ASN B 33 35.21 1.90 5.60
C ASN B 33 36.25 1.63 4.53
N ARG B 34 35.83 1.17 3.37
CA ARG B 34 36.79 0.96 2.27
C ARG B 34 37.37 2.26 1.69
N THR B 35 36.64 3.36 1.81
CA THR B 35 37.07 4.64 1.28
C THR B 35 37.21 5.65 2.42
N ALA B 36 38.46 5.99 2.77
CA ALA B 36 38.74 6.73 3.99
C ALA B 36 38.15 8.14 3.99
N SER B 37 38.02 8.77 2.81
CA SER B 37 37.53 10.16 2.70
C SER B 37 36.08 10.30 3.13
N LYS B 38 35.35 9.20 3.14
CA LYS B 38 34.01 9.21 3.70
C LYS B 38 33.98 9.36 5.22
N ALA B 39 35.11 9.23 5.90
CA ALA B 39 35.14 9.33 7.33
C ALA B 39 35.63 10.71 7.76
N GLU B 40 36.06 11.52 6.79
CA GLU B 40 36.74 12.80 7.10
C GLU B 40 35.97 13.69 8.08
N ALA B 41 34.70 13.93 7.77
CA ALA B 41 33.88 14.87 8.56
C ALA B 41 33.60 14.27 9.93
N LEU B 42 33.44 12.95 9.93
CA LEU B 42 33.13 12.22 11.12
C LEU B 42 34.32 12.30 12.06
N VAL B 43 35.53 12.13 11.51
CA VAL B 43 36.77 12.26 12.30
C VAL B 43 36.90 13.68 12.86
N ALA B 44 36.67 14.67 12.00
CA ALA B 44 36.67 16.06 12.46
C ALA B 44 35.67 16.33 13.58
N ARG B 45 34.59 15.56 13.65
CA ARG B 45 33.64 15.71 14.74
C ARG B 45 34.05 14.91 15.98
N GLY B 46 35.11 14.11 15.90
CA GLY B 46 35.59 13.32 17.06
C GLY B 46 35.63 11.81 16.90
N ALA B 47 35.15 11.27 15.78
CA ALA B 47 35.28 9.81 15.52
C ALA B 47 36.75 9.46 15.29
N VAL B 48 37.13 8.19 15.43
CA VAL B 48 38.51 7.81 15.23
C VAL B 48 38.50 6.83 14.06
N LEU B 49 39.26 7.14 13.00
CA LEU B 49 39.33 6.25 11.83
C LEU B 49 40.38 5.18 12.07
N ALA B 50 39.95 3.93 12.15
CA ALA B 50 40.88 2.83 12.29
C ALA B 50 41.64 2.63 10.97
N PRO B 51 42.95 2.35 11.02
CA PRO B 51 43.69 2.12 9.79
C PRO B 51 43.37 0.77 9.08
N THR B 52 42.81 -0.18 9.83
CA THR B 52 42.45 -1.50 9.27
C THR B 52 41.19 -2.00 9.98
N VAL B 53 40.58 -3.02 9.40
CA VAL B 53 39.41 -3.65 9.98
C VAL B 53 39.75 -4.27 11.31
N GLU B 54 40.89 -4.93 11.39
CA GLU B 54 41.37 -5.50 12.65
C GLU B 54 41.36 -4.47 13.79
N ASP B 55 41.91 -3.30 13.51
CA ASP B 55 42.00 -2.23 14.54
C ASP B 55 40.62 -1.71 14.96
N ALA B 56 39.71 -1.65 13.99
CA ALA B 56 38.31 -1.31 14.28
C ALA B 56 37.68 -2.33 15.24
N LEU B 57 37.94 -3.61 14.97
CA LEU B 57 37.37 -4.67 15.75
C LEU B 57 37.97 -4.72 17.11
N SER B 58 39.27 -4.54 17.21
CA SER B 58 39.93 -4.58 18.50
C SER B 58 39.56 -3.40 19.38
N ALA B 59 39.13 -2.31 18.78
CA ALA B 59 38.86 -1.10 19.54
C ALA B 59 37.73 -1.21 20.55
N ASN B 60 36.76 -2.09 20.31
CA ASN B 60 35.51 -2.12 21.08
C ASN B 60 34.91 -3.52 21.12
N GLU B 61 34.09 -3.78 22.12
CA GLU B 61 33.31 -5.01 22.20
C GLU B 61 32.15 -4.96 21.21
N LEU B 62 31.47 -3.81 21.14
CA LEU B 62 30.28 -3.65 20.31
C LEU B 62 30.61 -3.11 18.93
N ILE B 63 30.36 -3.96 17.94
CA ILE B 63 30.65 -3.69 16.55
C ILE B 63 29.33 -3.62 15.79
N VAL B 64 29.01 -2.43 15.31
CA VAL B 64 27.81 -2.18 14.53
C VAL B 64 28.16 -2.18 13.06
N LEU B 65 27.46 -3.01 12.31
CA LEU B 65 27.66 -3.13 10.89
C LEU B 65 26.49 -2.54 10.16
N SER B 66 26.80 -1.64 9.24
CA SER B 66 25.81 -1.03 8.38
C SER B 66 26.29 -1.19 6.94
N LEU B 67 26.04 -2.35 6.37
CA LEU B 67 26.55 -2.71 5.04
C LEU B 67 25.40 -3.11 4.13
N THR B 68 25.67 -3.23 2.83
CA THR B 68 24.57 -3.41 1.88
C THR B 68 23.85 -4.75 2.04
N ASP B 69 24.60 -5.80 2.35
CA ASP B 69 24.02 -7.15 2.50
C ASP B 69 25.02 -8.07 3.18
N TYR B 70 24.65 -9.32 3.44
CA TYR B 70 25.55 -10.22 4.14
C TYR B 70 26.79 -10.58 3.37
N ASP B 71 26.72 -10.59 2.04
CA ASP B 71 27.93 -10.74 1.24
C ASP B 71 28.99 -9.72 1.56
N ALA B 72 28.58 -8.46 1.73
CA ALA B 72 29.48 -7.38 2.12
C ALA B 72 30.04 -7.57 3.52
N VAL B 73 29.18 -8.04 4.42
CA VAL B 73 29.58 -8.42 5.75
C VAL B 73 30.69 -9.50 5.75
N TYR B 74 30.45 -10.60 5.05
CA TYR B 74 31.45 -11.66 4.97
C TYR B 74 32.75 -11.24 4.29
N ALA B 75 32.65 -10.42 3.25
CA ALA B 75 33.85 -9.92 2.59
C ALA B 75 34.75 -9.19 3.55
N ILE B 76 34.14 -8.40 4.44
CA ILE B 76 34.93 -7.66 5.42
C ILE B 76 35.41 -8.56 6.57
N LEU B 77 34.57 -9.47 7.06
CA LEU B 77 34.88 -10.21 8.28
C LEU B 77 35.63 -11.53 8.08
N GLU B 78 35.40 -12.22 6.97
CA GLU B 78 36.00 -13.54 6.78
C GLU B 78 37.53 -13.51 6.91
N PRO B 79 38.20 -12.50 6.34
CA PRO B 79 39.66 -12.47 6.54
C PRO B 79 40.15 -12.11 7.95
N VAL B 80 39.27 -11.64 8.83
CA VAL B 80 39.69 -11.18 10.13
C VAL B 80 38.98 -11.94 11.25
N THR B 81 38.64 -13.20 11.01
CA THR B 81 37.89 -13.92 12.02
C THR B 81 38.67 -14.09 13.32
N GLY B 82 40.00 -14.11 13.25
CA GLY B 82 40.82 -14.19 14.44
C GLY B 82 40.61 -12.98 15.34
N SER B 83 40.10 -11.89 14.80
CA SER B 83 39.83 -10.71 15.61
C SER B 83 38.42 -10.68 16.19
N LEU B 84 37.60 -11.71 15.95
CA LEU B 84 36.19 -11.65 16.37
C LEU B 84 35.91 -12.13 17.79
N SER B 85 36.92 -12.69 18.44
CA SER B 85 36.75 -13.31 19.74
C SER B 85 36.28 -12.28 20.77
N GLY B 86 35.17 -12.59 21.46
CA GLY B 86 34.64 -11.72 22.50
C GLY B 86 33.89 -10.52 21.99
N LYS B 87 33.65 -10.44 20.68
CA LYS B 87 32.89 -9.31 20.12
C LYS B 87 31.39 -9.60 20.08
N VAL B 88 30.63 -8.51 20.06
CA VAL B 88 29.21 -8.55 19.85
C VAL B 88 28.96 -7.80 18.56
N ILE B 89 28.50 -8.54 17.55
CA ILE B 89 28.20 -7.94 16.27
C ILE B 89 26.72 -7.58 16.21
N ALA B 90 26.44 -6.29 16.14
CA ALA B 90 25.10 -5.80 15.91
C ALA B 90 24.98 -5.56 14.41
N ASN B 91 24.55 -6.60 13.71
CA ASN B 91 24.46 -6.58 12.27
C ASN B 91 23.16 -5.95 11.78
N LEU B 92 23.24 -4.67 11.36
CA LEU B 92 22.09 -3.89 10.92
C LEU B 92 21.98 -3.86 9.40
N SER B 93 22.67 -4.79 8.73
CA SER B 93 22.59 -4.92 7.28
C SER B 93 21.33 -5.75 6.89
N SER B 94 20.58 -5.34 5.85
CA SER B 94 19.39 -6.11 5.34
C SER B 94 19.78 -7.43 4.69
N ASP B 95 19.12 -8.51 5.09
CA ASP B 95 19.18 -9.74 4.36
C ASP B 95 18.12 -10.69 4.93
N THR B 96 18.12 -11.92 4.45
CA THR B 96 17.02 -12.82 4.72
C THR B 96 17.17 -13.43 6.09
N PRO B 97 16.04 -13.88 6.67
CA PRO B 97 16.08 -14.58 7.94
C PRO B 97 17.06 -15.76 7.89
N ASP B 98 17.07 -16.54 6.82
CA ASP B 98 17.99 -17.66 6.78
C ASP B 98 19.45 -17.24 6.74
N LYS B 99 19.78 -16.15 6.05
CA LYS B 99 21.14 -15.59 6.12
C LYS B 99 21.51 -15.15 7.53
N ALA B 100 20.57 -14.50 8.23
CA ALA B 100 20.79 -14.08 9.62
C ALA B 100 21.10 -15.29 10.52
N ARG B 101 20.35 -16.37 10.32
CA ARG B 101 20.53 -17.58 11.12
C ARG B 101 21.91 -18.15 10.88
N GLU B 102 22.32 -18.18 9.61
CA GLU B 102 23.64 -18.69 9.25
C GLU B 102 24.74 -17.81 9.82
N ALA B 103 24.55 -16.49 9.75
CA ALA B 103 25.56 -15.57 10.26
C ALA B 103 25.76 -15.69 11.75
N ALA B 104 24.67 -15.88 12.50
CA ALA B 104 24.76 -16.08 13.95
C ALA B 104 25.61 -17.30 14.33
N LYS B 105 25.35 -18.40 13.63
CA LYS B 105 26.14 -19.62 13.78
C LYS B 105 27.62 -19.41 13.45
N TRP B 106 27.88 -18.78 12.32
CA TRP B 106 29.24 -18.52 11.89
C TRP B 106 29.97 -17.62 12.90
N ALA B 107 29.31 -16.56 13.38
CA ALA B 107 29.92 -15.68 14.36
C ALA B 107 30.35 -16.48 15.58
N ALA B 108 29.47 -17.36 16.05
CA ALA B 108 29.71 -18.17 17.26
C ALA B 108 30.88 -19.16 17.08
N LYS B 109 31.01 -19.71 15.89
CA LYS B 109 32.21 -20.48 15.52
C LYS B 109 33.50 -19.71 15.79
N HIS B 110 33.47 -18.39 15.62
CA HIS B 110 34.66 -17.57 15.80
C HIS B 110 34.63 -16.74 17.08
N GLY B 111 33.76 -17.12 18.01
CA GLY B 111 33.81 -16.60 19.36
C GLY B 111 33.09 -15.28 19.56
N ALA B 112 32.21 -14.90 18.63
CA ALA B 112 31.46 -13.64 18.70
C ALA B 112 29.97 -13.96 18.84
N LYS B 113 29.25 -13.01 19.42
CA LYS B 113 27.78 -13.04 19.53
C LYS B 113 27.20 -12.18 18.42
N HIS B 114 26.00 -12.50 17.97
CA HIS B 114 25.40 -11.81 16.84
C HIS B 114 24.02 -11.34 17.22
N LEU B 115 23.79 -10.05 17.05
CA LEU B 115 22.46 -9.43 17.16
C LEU B 115 22.03 -8.99 15.79
N THR B 116 20.85 -9.43 15.41
CA THR B 116 20.24 -9.03 14.15
C THR B 116 19.42 -7.76 14.39
N GLY B 117 19.70 -6.73 13.60
CA GLY B 117 18.95 -5.48 13.64
C GLY B 117 18.26 -5.22 12.32
N GLY B 118 16.96 -4.91 12.37
CA GLY B 118 16.21 -4.45 11.19
C GLY B 118 15.77 -3.00 11.37
N VAL B 119 16.49 -2.07 10.77
CA VAL B 119 16.25 -0.62 10.97
C VAL B 119 15.00 -0.25 10.19
N GLN B 120 14.07 0.43 10.82
CA GLN B 120 12.76 0.64 10.21
C GLN B 120 12.66 1.96 9.45
N VAL B 121 13.71 2.76 9.51
CA VAL B 121 13.68 4.13 9.02
C VAL B 121 14.89 4.42 8.14
N PRO B 122 14.76 5.42 7.24
CA PRO B 122 15.91 5.90 6.49
C PRO B 122 16.85 6.78 7.35
N PRO B 123 18.09 7.01 6.86
CA PRO B 123 19.11 7.67 7.66
C PRO B 123 18.73 8.98 8.35
N PRO B 124 17.96 9.88 7.70
CA PRO B 124 17.68 11.12 8.44
C PRO B 124 16.83 10.95 9.70
N LEU B 125 16.23 9.77 9.92
CA LEU B 125 15.43 9.54 11.13
C LEU B 125 16.17 8.85 12.25
N ILE B 126 17.41 8.46 12.00
CA ILE B 126 18.26 7.90 13.05
C ILE B 126 18.40 8.99 14.11
N GLY B 127 18.29 8.62 15.38
CA GLY B 127 18.42 9.60 16.46
C GLY B 127 17.15 10.38 16.76
N LYS B 128 16.07 10.10 16.03
CA LYS B 128 14.79 10.75 16.30
C LYS B 128 13.90 9.84 17.13
N PRO B 129 13.04 10.45 17.97
CA PRO B 129 12.25 9.74 18.99
C PRO B 129 11.34 8.66 18.46
N GLU B 130 10.71 8.88 17.32
CA GLU B 130 9.74 7.92 16.80
C GLU B 130 10.40 6.78 15.98
N SER B 131 11.72 6.75 15.90
CA SER B 131 12.43 5.73 15.15
C SER B 131 12.60 4.45 15.93
N SER B 132 12.55 3.33 15.22
CA SER B 132 12.68 2.03 15.87
C SER B 132 13.43 1.02 14.98
N THR B 133 14.04 0.04 15.64
CA THR B 133 14.78 -1.04 15.02
C THR B 133 14.33 -2.34 15.69
N TYR B 134 14.02 -3.33 14.86
CA TYR B 134 13.80 -4.71 15.35
C TYR B 134 15.12 -5.35 15.73
N TYR B 135 15.16 -6.05 16.87
CA TYR B 135 16.35 -6.78 17.29
C TYR B 135 16.00 -8.21 17.64
N SER B 136 16.89 -9.13 17.29
CA SER B 136 16.76 -10.51 17.72
C SER B 136 18.14 -11.12 17.92
N GLY B 137 18.18 -12.17 18.73
CA GLY B 137 19.45 -12.75 19.17
C GLY B 137 19.42 -13.04 20.65
N PRO B 138 20.58 -13.39 21.21
CA PRO B 138 20.56 -13.76 22.63
C PRO B 138 20.10 -12.61 23.56
N LYS B 139 19.17 -12.91 24.45
CA LYS B 139 18.59 -11.86 25.25
C LYS B 139 19.62 -11.24 26.19
N ASP B 140 20.50 -12.04 26.78
CA ASP B 140 21.48 -11.50 27.74
C ASP B 140 22.42 -10.52 27.03
N VAL B 141 22.81 -10.86 25.81
CA VAL B 141 23.63 -9.98 25.00
C VAL B 141 22.86 -8.70 24.63
N PHE B 142 21.59 -8.83 24.25
CA PHE B 142 20.79 -7.67 23.93
C PHE B 142 20.72 -6.74 25.13
N ASP B 143 20.40 -7.26 26.31
CA ASP B 143 20.24 -6.40 27.49
C ASP B 143 21.53 -5.67 27.86
N ALA B 144 22.65 -6.35 27.71
CA ALA B 144 23.97 -5.76 27.97
C ALA B 144 24.29 -4.54 27.08
N HIS B 145 23.79 -4.49 25.85
CA HIS B 145 24.11 -3.39 24.94
C HIS B 145 22.94 -2.52 24.54
N GLU B 146 21.77 -2.83 25.09
CA GLU B 146 20.52 -2.14 24.76
C GLU B 146 20.65 -0.63 24.97
N ASP B 147 21.30 -0.22 26.05
CA ASP B 147 21.45 1.20 26.37
C ASP B 147 22.29 1.91 25.31
N THR B 148 23.25 1.22 24.70
CA THR B 148 24.00 1.81 23.60
C THR B 148 23.19 1.79 22.29
N LEU B 149 22.52 0.70 22.00
CA LEU B 149 21.71 0.61 20.78
C LEU B 149 20.55 1.63 20.77
N LYS B 150 19.97 1.89 21.95
CA LYS B 150 18.86 2.84 22.07
C LYS B 150 19.21 4.25 21.66
N VAL B 151 20.50 4.55 21.59
CA VAL B 151 20.89 5.89 21.19
C VAL B 151 20.50 6.09 19.72
N LEU B 152 20.56 5.02 18.93
CA LEU B 152 20.23 5.15 17.51
C LEU B 152 18.73 5.26 17.27
N THR B 153 17.98 4.38 17.91
CA THR B 153 16.54 4.25 17.72
C THR B 153 16.02 3.55 18.97
N ASN B 154 14.71 3.54 19.18
CA ASN B 154 14.13 2.57 20.08
C ASN B 154 14.61 1.16 19.63
N ALA B 155 14.83 0.27 20.59
CA ALA B 155 15.37 -1.07 20.33
C ALA B 155 14.29 -2.06 20.71
N ASP B 156 13.69 -2.69 19.71
CA ASP B 156 12.49 -3.47 19.95
C ASP B 156 12.90 -4.93 19.82
N TYR B 157 13.14 -5.58 20.95
CA TYR B 157 13.57 -6.99 21.01
C TYR B 157 12.41 -7.92 20.72
N ARG B 158 12.60 -8.79 19.73
CA ARG B 158 11.52 -9.62 19.18
C ARG B 158 11.66 -11.11 19.51
N GLY B 159 12.81 -11.54 20.02
CA GLY B 159 13.01 -12.94 20.40
C GLY B 159 14.42 -13.46 20.20
N GLU B 160 14.66 -14.73 20.51
CA GLU B 160 16.02 -15.29 20.52
C GLU B 160 16.55 -15.57 19.12
N ASP B 161 15.71 -16.12 18.26
CA ASP B 161 16.19 -16.55 16.97
C ASP B 161 16.72 -15.37 16.17
N ALA B 162 17.90 -15.58 15.62
CA ALA B 162 18.58 -14.60 14.82
C ALA B 162 17.78 -14.14 13.58
N GLY B 163 16.92 -15.00 13.04
CA GLY B 163 16.15 -14.65 11.85
C GLY B 163 14.94 -13.76 12.10
N LEU B 164 14.51 -13.65 13.35
CA LEU B 164 13.28 -12.91 13.67
C LEU B 164 13.32 -11.43 13.29
N ALA B 165 14.39 -10.72 13.65
CA ALA B 165 14.43 -9.27 13.32
C ALA B 165 14.48 -9.10 11.84
N ALA B 166 15.15 -10.03 11.15
CA ALA B 166 15.21 -9.96 9.70
C ALA B 166 13.86 -10.22 9.08
N MET B 167 13.06 -11.11 9.69
CA MET B 167 11.73 -11.43 9.18
C MET B 167 10.86 -10.20 9.27
N TYR B 168 10.88 -9.54 10.43
CA TYR B 168 10.05 -8.35 10.59
C TYR B 168 10.44 -7.27 9.59
N TYR B 169 11.74 -7.09 9.39
CA TYR B 169 12.23 -6.11 8.41
C TYR B 169 11.76 -6.46 7.00
N GLN B 170 11.90 -7.72 6.58
CA GLN B 170 11.47 -8.10 5.26
C GLN B 170 9.95 -8.01 5.13
N ALA B 171 9.21 -8.20 6.22
CA ALA B 171 7.75 -7.99 6.19
C ALA B 171 7.45 -6.54 5.90
N GLN B 172 8.15 -5.66 6.60
CA GLN B 172 8.03 -4.23 6.36
C GLN B 172 8.32 -3.86 4.91
N MET B 173 9.38 -4.45 4.34
CA MET B 173 9.77 -4.11 2.98
C MET B 173 8.80 -4.74 1.97
N THR B 174 8.15 -5.85 2.31
CA THR B 174 7.10 -6.42 1.46
C THR B 174 5.96 -5.41 1.22
N ILE B 175 5.47 -4.86 2.31
CA ILE B 175 4.42 -3.86 2.26
C ILE B 175 4.91 -2.59 1.58
N PHE B 176 6.11 -2.14 1.91
CA PHE B 176 6.64 -0.90 1.35
C PHE B 176 6.80 -0.95 -0.16
N TRP B 177 7.49 -1.98 -0.66
CA TRP B 177 7.73 -2.07 -2.10
C TRP B 177 6.47 -2.36 -2.91
N THR B 178 5.61 -3.22 -2.38
CA THR B 178 4.36 -3.52 -3.04
C THR B 178 3.48 -2.26 -3.14
N THR B 179 3.41 -1.50 -2.06
CA THR B 179 2.60 -0.31 -2.06
C THR B 179 3.19 0.72 -3.01
N MET B 180 4.51 0.85 -2.96
CA MET B 180 5.19 1.73 -3.87
C MET B 180 4.86 1.39 -5.32
N LEU B 181 4.88 0.12 -5.70
CA LEU B 181 4.55 -0.20 -7.08
C LEU B 181 3.10 0.12 -7.40
N SER B 182 2.18 -0.09 -6.46
CA SER B 182 0.77 0.18 -6.75
C SER B 182 0.55 1.68 -6.99
N TYR B 183 1.36 2.46 -6.30
CA TYR B 183 1.35 3.93 -6.44
C TYR B 183 1.82 4.30 -7.84
N TYR B 184 2.96 3.77 -8.24
CA TYR B 184 3.42 3.97 -9.62
C TYR B 184 2.45 3.45 -10.71
N GLN B 185 1.78 2.33 -10.42
CA GLN B 185 0.84 1.73 -11.33
C GLN B 185 -0.29 2.70 -11.61
N THR B 186 -0.74 3.38 -10.57
CA THR B 186 -1.79 4.34 -10.68
C THR B 186 -1.36 5.55 -11.54
N LEU B 187 -0.11 5.94 -11.41
CA LEU B 187 0.37 7.11 -12.15
C LEU B 187 0.48 6.72 -13.63
N ALA B 188 0.89 5.48 -13.89
CA ALA B 188 0.89 4.95 -15.25
C ALA B 188 -0.52 4.93 -15.83
N LEU B 189 -1.47 4.37 -15.07
CA LEU B 189 -2.86 4.34 -15.48
C LEU B 189 -3.39 5.75 -15.76
N GLY B 190 -3.08 6.68 -14.87
CA GLY B 190 -3.47 8.07 -15.09
C GLY B 190 -2.99 8.61 -16.43
N GLN B 191 -1.70 8.42 -16.70
CA GLN B 191 -1.11 8.97 -17.92
C GLN B 191 -1.72 8.36 -19.16
N ALA B 192 -2.01 7.07 -19.11
CA ALA B 192 -2.64 6.38 -20.21
C ALA B 192 -4.07 6.89 -20.46
N ASN B 193 -4.64 7.62 -19.49
CA ASN B 193 -5.99 8.19 -19.59
C ASN B 193 -5.96 9.70 -19.70
N GLY B 194 -4.78 10.25 -20.02
CA GLY B 194 -4.62 11.68 -20.21
C GLY B 194 -4.54 12.54 -18.96
N VAL B 195 -4.27 11.93 -17.82
CA VAL B 195 -4.07 12.68 -16.57
C VAL B 195 -2.59 12.66 -16.22
N SER B 196 -2.01 13.84 -16.11
CA SER B 196 -0.59 13.97 -15.86
C SER B 196 -0.28 13.50 -14.46
N ALA B 197 0.96 13.02 -14.30
CA ALA B 197 1.41 12.47 -13.04
C ALA B 197 1.33 13.54 -11.97
N LYS B 198 1.58 14.78 -12.34
CA LYS B 198 1.56 15.85 -11.35
C LYS B 198 0.14 16.21 -10.91
N GLU B 199 -0.81 16.13 -11.82
CA GLU B 199 -2.21 16.33 -11.45
C GLU B 199 -2.75 15.17 -10.60
N LEU B 200 -2.35 13.94 -10.93
CA LEU B 200 -2.81 12.77 -10.15
C LEU B 200 -2.04 12.57 -8.84
N LEU B 201 -0.80 13.06 -8.79
CA LEU B 201 0.10 12.83 -7.65
C LEU B 201 -0.53 13.05 -6.25
N PRO B 202 -1.15 14.22 -5.99
CA PRO B 202 -1.77 14.41 -4.68
C PRO B 202 -2.87 13.38 -4.38
N TYR B 203 -3.65 13.00 -5.37
CA TYR B 203 -4.66 11.94 -5.17
C TYR B 203 -4.04 10.58 -4.84
N ALA B 204 -3.07 10.18 -5.64
CA ALA B 204 -2.39 8.89 -5.42
C ALA B 204 -1.77 8.87 -4.01
N THR B 205 -1.27 10.04 -3.57
CA THR B 205 -0.65 10.17 -2.27
C THR B 205 -1.70 9.95 -1.22
N MET B 206 -2.82 10.65 -1.32
CA MET B 206 -3.91 10.46 -0.36
C MET B 206 -4.44 9.02 -0.38
N MET B 207 -4.43 8.41 -1.56
CA MET B 207 -4.97 7.06 -1.66
C MET B 207 -4.18 6.08 -0.81
N THR B 208 -2.89 6.35 -0.59
CA THR B 208 -2.07 5.46 0.23
C THR B 208 -2.42 5.53 1.72
N SER B 209 -3.30 6.44 2.13
CA SER B 209 -3.79 6.47 3.51
C SER B 209 -5.07 5.65 3.78
N MET B 210 -5.74 5.18 2.72
CA MET B 210 -6.99 4.41 2.88
C MET B 210 -6.74 3.19 3.76
N MET B 211 -5.67 2.47 3.45
CA MET B 211 -5.37 1.20 4.13
C MET B 211 -5.04 1.33 5.62
N PRO B 212 -4.07 2.19 5.98
CA PRO B 212 -3.79 2.28 7.41
C PRO B 212 -5.00 2.73 8.19
N HIS B 213 -5.84 3.57 7.58
CA HIS B 213 -7.12 3.93 8.15
C HIS B 213 -8.04 2.73 8.23
N PHE B 214 -8.23 2.02 7.13
CA PHE B 214 -9.01 0.81 7.17
C PHE B 214 -8.52 -0.12 8.29
N LEU B 215 -7.22 -0.33 8.42
CA LEU B 215 -6.74 -1.27 9.45
C LEU B 215 -6.97 -0.78 10.87
N GLU B 216 -6.75 0.50 11.09
CA GLU B 216 -7.01 1.07 12.39
C GLU B 216 -8.45 0.73 12.85
N LEU B 217 -9.43 0.83 11.96
CA LEU B 217 -10.84 0.59 12.33
C LEU B 217 -11.39 -0.86 12.21
N TYR B 218 -10.99 -1.61 11.21
CA TYR B 218 -11.71 -2.85 10.90
C TYR B 218 -10.99 -4.12 11.40
N VAL B 231 -21.24 -7.87 3.63
CA VAL B 231 -19.99 -7.14 4.00
C VAL B 231 -18.88 -8.08 4.48
N ASP B 232 -17.63 -7.63 4.30
CA ASP B 232 -16.47 -8.48 4.59
C ASP B 232 -16.66 -9.80 3.84
N ARG B 233 -17.06 -9.72 2.57
CA ARG B 233 -17.24 -10.91 1.73
C ARG B 233 -16.16 -10.92 0.65
N LEU B 234 -15.39 -12.00 0.60
CA LEU B 234 -14.36 -12.14 -0.44
C LEU B 234 -14.90 -11.93 -1.86
N ALA B 235 -16.09 -12.43 -2.15
CA ALA B 235 -16.72 -12.26 -3.47
C ALA B 235 -16.83 -10.82 -3.95
N MET B 236 -17.15 -9.91 -3.02
CA MET B 236 -17.23 -8.50 -3.37
C MET B 236 -15.86 -7.94 -3.71
N GLY B 237 -14.85 -8.34 -2.93
CA GLY B 237 -13.48 -7.97 -3.22
C GLY B 237 -13.03 -8.48 -4.58
N ALA B 238 -13.33 -9.75 -4.87
CA ALA B 238 -13.00 -10.32 -6.16
C ALA B 238 -13.62 -9.54 -7.32
N ALA B 239 -14.86 -9.11 -7.17
CA ALA B 239 -15.53 -8.37 -8.24
C ALA B 239 -14.87 -6.99 -8.48
N SER B 240 -14.53 -6.31 -7.40
CA SER B 240 -13.80 -5.02 -7.46
C SER B 240 -12.40 -5.18 -8.12
N VAL B 241 -11.68 -6.22 -7.69
CA VAL B 241 -10.38 -6.52 -8.22
C VAL B 241 -10.43 -6.83 -9.73
N ASP B 242 -11.48 -7.50 -10.18
CA ASP B 242 -11.67 -7.77 -11.62
C ASP B 242 -11.85 -6.46 -12.41
N HIS B 243 -12.62 -5.52 -11.85
CA HIS B 243 -12.73 -4.19 -12.44
C HIS B 243 -11.36 -3.48 -12.51
N VAL B 244 -10.58 -3.57 -11.43
CA VAL B 244 -9.21 -3.05 -11.42
C VAL B 244 -8.38 -3.68 -12.55
N LEU B 245 -8.37 -5.00 -12.63
CA LEU B 245 -7.61 -5.67 -13.69
C LEU B 245 -8.01 -5.17 -15.10
N HIS B 246 -9.31 -5.12 -15.39
CA HIS B 246 -9.76 -4.75 -16.69
C HIS B 246 -9.45 -3.31 -16.99
N THR B 247 -9.52 -2.45 -15.98
CA THR B 247 -9.15 -1.04 -16.16
C THR B 247 -7.72 -0.89 -16.66
N HIS B 248 -6.79 -1.60 -16.03
CA HIS B 248 -5.39 -1.56 -16.48
C HIS B 248 -5.17 -2.21 -17.84
N GLN B 249 -5.86 -3.33 -18.10
CA GLN B 249 -5.81 -3.98 -19.43
C GLN B 249 -6.30 -3.03 -20.50
N ASP B 250 -7.49 -2.45 -20.29
CA ASP B 250 -8.07 -1.48 -21.23
C ASP B 250 -7.15 -0.27 -21.49
N ALA B 251 -6.40 0.14 -20.47
CA ALA B 251 -5.56 1.33 -20.60
C ALA B 251 -4.25 1.06 -21.35
N GLY B 252 -3.91 -0.21 -21.55
CA GLY B 252 -2.71 -0.58 -22.27
C GLY B 252 -1.44 -0.53 -21.44
N VAL B 253 -1.57 -0.42 -20.13
CA VAL B 253 -0.41 -0.36 -19.26
C VAL B 253 -0.03 -1.77 -18.80
N SER B 254 1.06 -1.88 -18.05
CA SER B 254 1.49 -3.18 -17.51
C SER B 254 0.37 -3.78 -16.69
N THR B 255 0.19 -5.10 -16.79
CA THR B 255 -0.77 -5.78 -15.93
C THR B 255 -0.16 -6.77 -14.97
N VAL B 256 1.17 -6.77 -14.82
CA VAL B 256 1.85 -7.75 -13.98
C VAL B 256 1.32 -7.69 -12.55
N LEU B 257 1.26 -6.49 -12.02
CA LEU B 257 0.82 -6.32 -10.66
C LEU B 257 -0.70 -6.58 -10.45
N PRO B 258 -1.58 -5.87 -11.16
CA PRO B 258 -3.00 -6.21 -10.96
C PRO B 258 -3.34 -7.68 -11.35
N ALA B 259 -2.62 -8.29 -12.29
CA ALA B 259 -2.91 -9.70 -12.58
C ALA B 259 -2.57 -10.57 -11.40
N ALA B 260 -1.48 -10.25 -10.70
CA ALA B 260 -1.08 -11.02 -9.53
C ALA B 260 -2.09 -10.89 -8.42
N VAL B 261 -2.59 -9.67 -8.19
CA VAL B 261 -3.64 -9.49 -7.23
C VAL B 261 -4.91 -10.30 -7.58
N ALA B 262 -5.28 -10.31 -8.84
CA ALA B 262 -6.44 -11.07 -9.30
C ALA B 262 -6.26 -12.58 -9.13
N GLU B 263 -5.04 -13.03 -9.36
CA GLU B 263 -4.70 -14.46 -9.25
C GLU B 263 -4.90 -14.95 -7.82
N ILE B 264 -4.51 -14.11 -6.89
CA ILE B 264 -4.70 -14.41 -5.48
C ILE B 264 -6.19 -14.44 -5.09
N PHE B 265 -6.95 -13.39 -5.42
CA PHE B 265 -8.40 -13.44 -5.24
C PHE B 265 -9.03 -14.64 -5.95
N LYS B 266 -8.62 -14.90 -7.18
CA LYS B 266 -9.12 -16.10 -7.89
C LYS B 266 -8.90 -17.40 -7.08
N ALA B 267 -7.71 -17.58 -6.50
CA ALA B 267 -7.45 -18.81 -5.78
C ALA B 267 -8.34 -18.93 -4.56
N GLY B 268 -8.61 -17.81 -3.90
CA GLY B 268 -9.52 -17.85 -2.76
C GLY B 268 -10.93 -18.24 -3.16
N MET B 269 -11.40 -17.69 -4.26
CA MET B 269 -12.72 -18.02 -4.76
C MET B 269 -12.78 -19.50 -5.12
N GLU B 270 -11.73 -20.02 -5.73
CA GLU B 270 -11.72 -21.45 -6.16
C GLU B 270 -11.61 -22.40 -4.99
N LYS B 271 -11.12 -21.90 -3.85
CA LYS B 271 -11.06 -22.70 -2.62
C LYS B 271 -12.33 -22.61 -1.78
N GLY B 272 -13.40 -22.06 -2.33
CA GLY B 272 -14.69 -22.07 -1.63
C GLY B 272 -14.83 -20.94 -0.61
N PHE B 273 -13.97 -19.95 -0.68
CA PHE B 273 -14.02 -18.81 0.29
C PHE B 273 -14.90 -17.59 -0.09
N ALA B 274 -15.70 -17.68 -1.17
CA ALA B 274 -16.50 -16.52 -1.64
C ALA B 274 -17.23 -15.77 -0.52
N GLU B 275 -17.84 -16.52 0.40
CA GLU B 275 -18.70 -15.92 1.43
C GLU B 275 -17.96 -15.66 2.72
N ASN B 276 -16.68 -15.97 2.75
CA ASN B 276 -15.90 -15.72 3.94
C ASN B 276 -15.30 -14.34 3.95
N SER B 277 -14.72 -14.01 5.09
CA SER B 277 -14.02 -12.75 5.29
C SER B 277 -12.78 -12.63 4.39
N PHE B 278 -12.37 -11.38 4.14
CA PHE B 278 -11.16 -11.10 3.37
C PHE B 278 -9.94 -11.72 3.94
N SER B 279 -9.92 -11.84 5.25
CA SER B 279 -8.78 -12.36 5.91
C SER B 279 -8.56 -13.84 5.56
N SER B 280 -9.56 -14.51 4.98
CA SER B 280 -9.38 -15.90 4.49
C SER B 280 -8.23 -15.97 3.46
N LEU B 281 -7.87 -14.81 2.90
CA LEU B 281 -6.75 -14.73 1.97
C LEU B 281 -5.41 -15.09 2.61
N ILE B 282 -5.30 -14.94 3.93
CA ILE B 282 -4.10 -15.36 4.65
C ILE B 282 -3.88 -16.87 4.42
N GLU B 283 -4.96 -17.63 4.45
CA GLU B 283 -4.92 -19.10 4.17
C GLU B 283 -4.44 -19.41 2.77
N VAL B 284 -4.93 -18.65 1.81
CA VAL B 284 -4.51 -18.80 0.44
C VAL B 284 -3.01 -18.53 0.30
N LEU B 285 -2.51 -17.54 1.02
CA LEU B 285 -1.11 -17.16 0.85
C LEU B 285 -0.12 -18.01 1.62
N LYS B 286 -0.60 -18.88 2.49
CA LYS B 286 0.28 -19.72 3.30
C LYS B 286 1.03 -20.78 2.51
N LYS B 287 0.55 -21.14 1.32
CA LYS B 287 1.19 -22.22 0.52
C LYS B 287 1.31 -21.81 -0.92
N PRO B 288 2.41 -22.20 -1.56
CA PRO B 288 2.39 -22.05 -3.00
C PRO B 288 1.63 -23.23 -3.62
#